data_4B1X
#
_entry.id   4B1X
#
_cell.length_a   77.280
_cell.length_b   77.280
_cell.length_c   130.809
_cell.angle_alpha   90.00
_cell.angle_beta   90.00
_cell.angle_gamma   120.00
#
_symmetry.space_group_name_H-M   'P 32 2 1'
#
loop_
_entity.id
_entity.type
_entity.pdbx_description
1 polymer 'ACTIN, ALPHA SKELETAL MUSCLE'
2 polymer 'PHOSPHATASE AND ACTIN REGULATOR 1'
3 non-polymer 'LATRUNCULIN B'
4 non-polymer "ADENOSINE-5'-TRIPHOSPHATE"
5 non-polymer 'MAGNESIUM ION'
6 water water
#
loop_
_entity_poly.entity_id
_entity_poly.type
_entity_poly.pdbx_seq_one_letter_code
_entity_poly.pdbx_strand_id
1 'polypeptide(L)'
;CDEDETTALVCDNGSGLVKAGFAGDDAPRAVFPSIVGRPRHQGVMVGMGQKDSYVGDEAQSKRGILTLKYPIEHGIITNW
DDMEKIWHHTFYNELRVAPEEHPTLLTEAPLNPKANREKMTQIMFETFNVPAMYVAIQAVLSLYASGRTTGIVLDSGDGV
THNVPIYEGYALPHAIMRLDLAGRDLTDYLMKILTERGYSFVTTAEREIVRDIKEKLCYVALDFENEMATAASSSSLEKS
YELPDGQVITIGNERFRCPETLFQPSFIGMESAGIHETTYNSIMKCDIDIRKDLYANNVMSGGTTMYPGIADRMQKEITA
LAPSTMKIKIIAPPERKYSVWIGGSILASLSTFQQMWITKQEYDEAGPSIVHRKCF
;
B
2 'polypeptide(L)' RQQIGTKLTRRLSQRPTAEELEQRNILKPRNE M
#
# COMPACT_ATOMS: atom_id res chain seq x y z
N THR A 6 -16.23 16.03 17.32
CA THR A 6 -15.14 15.07 17.43
C THR A 6 -14.44 14.85 16.09
N THR A 7 -13.27 14.23 16.13
CA THR A 7 -12.49 14.02 14.91
CA THR A 7 -12.45 14.02 14.93
C THR A 7 -12.26 12.54 14.64
N ALA A 8 -12.31 12.18 13.35
CA ALA A 8 -12.11 10.78 12.96
C ALA A 8 -10.63 10.45 12.91
N LEU A 9 -10.33 9.18 13.20
CA LEU A 9 -8.96 8.68 13.10
C LEU A 9 -8.82 7.88 11.81
N VAL A 10 -7.62 7.85 11.25
CA VAL A 10 -7.37 7.05 10.07
C VAL A 10 -6.11 6.24 10.34
N CYS A 11 -6.23 4.92 10.21
CA CYS A 11 -5.10 4.02 10.39
CA CYS A 11 -5.12 4.00 10.40
C CYS A 11 -4.95 3.09 9.19
N ASP A 12 -3.77 3.14 8.57
CA ASP A 12 -3.43 2.27 7.45
C ASP A 12 -2.38 1.30 7.96
N ASN A 13 -2.79 0.06 8.23
CA ASN A 13 -1.88 -0.90 8.81
C ASN A 13 -1.12 -1.69 7.76
N GLY A 14 0.15 -1.35 7.56
CA GLY A 14 0.94 -2.02 6.52
C GLY A 14 1.73 -3.20 7.06
N SER A 15 2.25 -4.04 6.18
CA SER A 15 3.13 -5.13 6.57
C SER A 15 4.38 -4.58 7.25
N GLY A 16 4.81 -3.40 6.81
CA GLY A 16 6.06 -2.83 7.30
C GLY A 16 5.85 -1.66 8.23
N LEU A 17 4.97 -0.74 7.83
CA LEU A 17 4.79 0.51 8.57
C LEU A 17 3.33 0.77 8.86
N VAL A 18 3.06 1.24 10.08
CA VAL A 18 1.74 1.75 10.44
C VAL A 18 1.72 3.23 10.08
N LYS A 19 0.69 3.67 9.36
CA LYS A 19 0.48 5.09 9.13
C LYS A 19 -0.80 5.48 9.84
N ALA A 20 -0.73 6.39 10.80
CA ALA A 20 -1.92 6.74 11.56
C ALA A 20 -2.00 8.23 11.82
N GLY A 21 -3.23 8.72 11.97
CA GLY A 21 -3.41 10.14 12.19
C GLY A 21 -4.86 10.55 12.24
N PHE A 22 -5.11 11.84 12.09
CA PHE A 22 -6.46 12.39 12.19
C PHE A 22 -6.99 12.80 10.82
N ALA A 23 -8.24 12.45 10.54
CA ALA A 23 -8.88 12.82 9.28
C ALA A 23 -8.87 14.33 9.10
N GLY A 24 -8.55 14.78 7.90
CA GLY A 24 -8.43 16.21 7.64
C GLY A 24 -6.99 16.69 7.60
N ASP A 25 -6.08 15.89 8.20
CA ASP A 25 -4.65 16.22 8.16
C ASP A 25 -4.10 15.89 6.78
N ASP A 26 -3.04 16.60 6.38
CA ASP A 26 -2.39 16.37 5.08
C ASP A 26 -1.50 15.12 5.03
N ALA A 27 -1.22 14.55 6.20
CA ALA A 27 -0.28 13.44 6.31
C ALA A 27 -0.48 12.72 7.63
N PRO A 28 -0.08 11.44 7.69
CA PRO A 28 -0.19 10.74 8.97
C PRO A 28 0.82 11.31 9.96
N ARG A 29 0.39 11.62 11.18
CA ARG A 29 1.31 12.18 12.14
C ARG A 29 2.15 11.10 12.82
N ALA A 30 1.68 9.86 12.72
CA ALA A 30 2.41 8.73 13.30
C ALA A 30 2.75 7.77 12.19
N VAL A 31 4.04 7.54 11.96
CA VAL A 31 4.48 6.52 11.01
C VAL A 31 5.55 5.73 11.74
N PHE A 32 5.29 4.45 11.97
CA PHE A 32 6.17 3.65 12.80
C PHE A 32 6.15 2.17 12.39
N PRO A 33 7.23 1.44 12.71
CA PRO A 33 7.32 0.04 12.23
C PRO A 33 6.24 -0.87 12.81
N SER A 34 5.65 -1.66 11.92
CA SER A 34 4.62 -2.61 12.31
CA SER A 34 4.62 -2.60 12.33
C SER A 34 5.25 -3.84 12.95
N ILE A 35 5.80 -3.67 14.15
CA ILE A 35 6.45 -4.76 14.85
C ILE A 35 6.04 -4.79 16.31
N VAL A 36 5.99 -6.00 16.86
CA VAL A 36 5.82 -6.17 18.29
C VAL A 36 6.98 -7.01 18.78
N GLY A 37 7.62 -6.57 19.86
CA GLY A 37 8.72 -7.31 20.44
C GLY A 37 8.38 -7.77 21.84
N ARG A 38 8.45 -9.09 22.07
CA ARG A 38 8.09 -9.67 23.35
C ARG A 38 9.32 -10.25 24.03
N SER A 53 4.24 -6.58 24.65
CA SER A 53 5.30 -5.96 25.43
C SER A 53 5.66 -4.57 24.89
N TYR A 54 6.55 -4.53 23.90
CA TYR A 54 6.97 -3.28 23.25
C TYR A 54 6.49 -3.18 21.79
N VAL A 55 6.13 -1.98 21.35
CA VAL A 55 5.56 -1.80 20.02
C VAL A 55 6.30 -0.72 19.22
N GLY A 56 6.42 -0.90 17.91
CA GLY A 56 6.93 0.13 17.03
C GLY A 56 8.36 0.54 17.33
N ASP A 57 8.59 1.85 17.40
CA ASP A 57 9.95 2.35 17.60
C ASP A 57 10.54 1.98 18.95
N GLU A 58 9.68 1.77 19.95
CA GLU A 58 10.18 1.38 21.27
C GLU A 58 10.67 -0.06 21.22
N ALA A 59 9.97 -0.89 20.45
CA ALA A 59 10.35 -2.29 20.25
C ALA A 59 11.74 -2.43 19.65
N GLN A 60 12.01 -1.65 18.61
CA GLN A 60 13.31 -1.69 17.94
C GLN A 60 14.47 -1.32 18.87
N SER A 61 14.28 -0.26 19.65
CA SER A 61 15.30 0.21 20.57
C SER A 61 15.60 -0.82 21.67
N LYS A 62 14.64 -1.69 21.92
CA LYS A 62 14.76 -2.74 22.94
C LYS A 62 14.85 -4.13 22.31
N ARG A 63 15.41 -4.20 21.10
CA ARG A 63 15.43 -5.44 20.31
C ARG A 63 16.21 -6.59 20.93
N GLY A 64 17.26 -6.26 21.68
CA GLY A 64 18.12 -7.28 22.27
C GLY A 64 17.70 -7.70 23.67
N ILE A 65 16.44 -8.07 23.80
CA ILE A 65 15.85 -8.49 25.06
C ILE A 65 14.42 -8.97 24.76
N LEU A 66 13.77 -8.26 23.85
CA LEU A 66 12.49 -8.68 23.31
C LEU A 66 12.74 -9.51 22.05
N THR A 67 11.69 -10.17 21.56
CA THR A 67 11.76 -10.92 20.31
C THR A 67 10.79 -10.29 19.31
N LEU A 68 11.34 -9.72 18.24
CA LEU A 68 10.55 -8.94 17.27
C LEU A 68 9.76 -9.79 16.28
N LYS A 69 8.55 -9.33 15.97
CA LYS A 69 7.65 -10.03 15.05
C LYS A 69 6.82 -9.03 14.25
N TYR A 70 6.49 -9.39 13.01
CA TYR A 70 5.59 -8.60 12.17
C TYR A 70 4.20 -9.23 12.17
N PRO A 71 3.21 -8.56 12.80
CA PRO A 71 1.85 -9.12 12.92
C PRO A 71 1.12 -9.20 11.59
N ILE A 72 1.56 -8.43 10.60
CA ILE A 72 0.91 -8.41 9.29
C ILE A 72 1.85 -8.96 8.24
N GLU A 73 1.38 -9.94 7.48
CA GLU A 73 2.21 -10.58 6.46
C GLU A 73 1.57 -10.46 5.08
N HIS A 74 2.29 -9.90 4.13
CA HIS A 74 1.75 -9.67 2.79
C HIS A 74 0.42 -8.91 2.82
N GLY A 75 0.30 -7.96 3.75
CA GLY A 75 -0.89 -7.13 3.88
C GLY A 75 -2.03 -7.74 4.67
N ILE A 76 -1.88 -8.99 5.06
CA ILE A 76 -2.93 -9.69 5.81
C ILE A 76 -2.52 -9.85 7.27
N ILE A 77 -3.42 -9.50 8.19
CA ILE A 77 -3.17 -9.71 9.62
C ILE A 77 -3.09 -11.20 9.94
N THR A 78 -1.98 -11.64 10.52
CA THR A 78 -1.80 -13.05 10.84
C THR A 78 -1.62 -13.31 12.33
N ASN A 79 -1.17 -12.29 13.08
CA ASN A 79 -1.03 -12.42 14.52
C ASN A 79 -1.96 -11.41 15.20
N TRP A 80 -3.13 -11.89 15.64
CA TRP A 80 -4.17 -11.01 16.16
C TRP A 80 -3.86 -10.46 17.54
N ASP A 81 -3.18 -11.25 18.37
CA ASP A 81 -2.79 -10.77 19.69
C ASP A 81 -1.77 -9.65 19.56
N ASP A 82 -0.81 -9.80 18.64
CA ASP A 82 0.13 -8.73 18.39
C ASP A 82 -0.52 -7.55 17.69
N MET A 83 -1.48 -7.81 16.81
CA MET A 83 -2.17 -6.71 16.13
C MET A 83 -2.92 -5.83 17.14
N GLU A 84 -3.50 -6.46 18.14
CA GLU A 84 -4.19 -5.72 19.20
C GLU A 84 -3.22 -4.79 19.92
N LYS A 85 -2.01 -5.28 20.20
CA LYS A 85 -0.95 -4.45 20.76
C LYS A 85 -0.64 -3.25 19.88
N ILE A 86 -0.59 -3.45 18.56
CA ILE A 86 -0.30 -2.33 17.65
C ILE A 86 -1.39 -1.27 17.72
N TRP A 87 -2.64 -1.70 17.68
CA TRP A 87 -3.76 -0.77 17.70
C TRP A 87 -3.80 -0.02 19.04
N HIS A 88 -3.59 -0.73 20.15
CA HIS A 88 -3.56 -0.10 21.46
C HIS A 88 -2.49 0.99 21.49
N HIS A 89 -1.29 0.66 21.03
CA HIS A 89 -0.17 1.60 20.99
C HIS A 89 -0.48 2.79 20.09
N THR A 90 -1.14 2.52 18.97
CA THR A 90 -1.52 3.58 18.03
C THR A 90 -2.44 4.60 18.72
N PHE A 91 -3.49 4.11 19.38
CA PHE A 91 -4.43 5.02 20.04
C PHE A 91 -3.79 5.78 21.20
N TYR A 92 -3.23 5.02 22.15
CA TYR A 92 -2.85 5.58 23.44
C TYR A 92 -1.48 6.25 23.48
N ASN A 93 -0.55 5.74 22.69
CA ASN A 93 0.83 6.23 22.75
C ASN A 93 1.22 7.13 21.59
N GLU A 94 0.79 6.79 20.39
CA GLU A 94 1.12 7.61 19.22
C GLU A 94 0.16 8.79 19.06
N LEU A 95 -1.13 8.48 18.95
CA LEU A 95 -2.15 9.52 18.76
C LEU A 95 -2.59 10.20 20.05
N ARG A 96 -2.36 9.54 21.19
CA ARG A 96 -2.76 10.05 22.51
C ARG A 96 -4.25 10.37 22.57
N VAL A 97 -5.07 9.46 22.05
CA VAL A 97 -6.52 9.61 22.10
C VAL A 97 -7.20 8.51 22.91
N ALA A 98 -8.43 8.75 23.35
CA ALA A 98 -9.29 7.68 23.88
C ALA A 98 -10.08 7.16 22.70
N PRO A 99 -9.92 5.86 22.36
CA PRO A 99 -10.57 5.39 21.13
C PRO A 99 -12.11 5.47 21.17
N GLU A 100 -12.70 5.47 22.35
CA GLU A 100 -14.16 5.55 22.46
C GLU A 100 -14.70 6.93 22.04
N GLU A 101 -13.80 7.89 21.84
CA GLU A 101 -14.19 9.26 21.47
C GLU A 101 -14.05 9.57 19.97
N HIS A 102 -13.63 8.59 19.18
CA HIS A 102 -13.28 8.86 17.78
C HIS A 102 -13.74 7.77 16.80
N PRO A 103 -14.56 8.15 15.80
CA PRO A 103 -14.82 7.17 14.72
C PRO A 103 -13.48 6.82 14.09
N THR A 104 -13.32 5.56 13.69
CA THR A 104 -12.01 5.09 13.26
C THR A 104 -12.09 4.40 11.91
N LEU A 105 -11.35 4.92 10.93
CA LEU A 105 -11.29 4.29 9.61
C LEU A 105 -10.00 3.48 9.52
N LEU A 106 -10.15 2.19 9.21
CA LEU A 106 -9.01 1.29 9.03
C LEU A 106 -8.90 0.89 7.56
N THR A 107 -7.76 0.33 7.17
CA THR A 107 -7.60 -0.11 5.79
C THR A 107 -7.33 -1.61 5.73
N GLU A 108 -7.51 -2.20 4.57
CA GLU A 108 -7.26 -3.63 4.41
C GLU A 108 -6.75 -3.90 3.01
N ALA A 109 -6.14 -5.07 2.83
CA ALA A 109 -5.64 -5.46 1.53
C ALA A 109 -6.81 -5.88 0.62
N PRO A 110 -6.64 -5.75 -0.70
CA PRO A 110 -7.56 -6.35 -1.65
C PRO A 110 -7.61 -7.84 -1.33
N LEU A 111 -8.77 -8.46 -1.45
CA LEU A 111 -8.91 -9.91 -1.25
C LEU A 111 -8.71 -10.35 0.20
N ASN A 112 -8.77 -9.41 1.12
CA ASN A 112 -8.75 -9.75 2.54
C ASN A 112 -9.92 -10.67 2.87
N PRO A 113 -9.65 -11.84 3.48
CA PRO A 113 -10.70 -12.84 3.78
C PRO A 113 -11.83 -12.26 4.62
N LYS A 114 -13.04 -12.78 4.40
CA LYS A 114 -14.23 -12.27 5.06
C LYS A 114 -14.07 -12.34 6.58
N ALA A 115 -13.51 -13.45 7.06
CA ALA A 115 -13.34 -13.64 8.50
C ALA A 115 -12.44 -12.58 9.12
N ASN A 116 -11.40 -12.18 8.40
CA ASN A 116 -10.51 -11.13 8.89
C ASN A 116 -11.21 -9.79 9.05
N ARG A 117 -12.09 -9.43 8.11
CA ARG A 117 -12.81 -8.17 8.22
C ARG A 117 -13.71 -8.20 9.44
N GLU A 118 -14.31 -9.36 9.70
CA GLU A 118 -15.18 -9.51 10.86
C GLU A 118 -14.40 -9.38 12.16
N LYS A 119 -13.20 -9.95 12.19
CA LYS A 119 -12.39 -9.92 13.41
C LYS A 119 -11.88 -8.51 13.72
N MET A 120 -11.46 -7.77 12.69
CA MET A 120 -11.11 -6.34 12.84
CA MET A 120 -11.09 -6.37 12.87
C MET A 120 -12.26 -5.57 13.46
N THR A 121 -13.45 -5.80 12.92
CA THR A 121 -14.65 -5.11 13.35
C THR A 121 -14.99 -5.45 14.81
N GLN A 122 -14.94 -6.74 15.14
CA GLN A 122 -15.21 -7.20 16.50
C GLN A 122 -14.25 -6.58 17.52
N ILE A 123 -12.97 -6.54 17.16
CA ILE A 123 -11.96 -5.98 18.05
C ILE A 123 -12.15 -4.49 18.24
N MET A 124 -12.39 -3.76 17.15
CA MET A 124 -12.59 -2.31 17.25
C MET A 124 -13.75 -1.93 18.18
N PHE A 125 -14.86 -2.66 18.07
CA PHE A 125 -16.03 -2.37 18.90
C PHE A 125 -15.96 -2.98 20.30
N GLU A 126 -15.56 -4.24 20.40
CA GLU A 126 -15.58 -4.92 21.70
C GLU A 126 -14.35 -4.68 22.58
N THR A 127 -13.18 -4.49 21.96
CA THR A 127 -11.98 -4.20 22.75
C THR A 127 -11.76 -2.70 22.94
N PHE A 128 -11.87 -1.94 21.86
CA PHE A 128 -11.55 -0.51 21.92
C PHE A 128 -12.75 0.43 22.07
N ASN A 129 -13.96 -0.12 22.00
CA ASN A 129 -15.20 0.63 22.19
CA ASN A 129 -15.19 0.65 22.19
C ASN A 129 -15.33 1.87 21.28
N VAL A 130 -14.87 1.76 20.04
CA VAL A 130 -15.00 2.89 19.12
C VAL A 130 -16.48 3.24 18.91
N PRO A 131 -16.78 4.54 18.76
CA PRO A 131 -18.20 4.89 18.56
C PRO A 131 -18.66 4.48 17.16
N ALA A 132 -17.73 4.46 16.20
CA ALA A 132 -18.04 4.02 14.85
C ALA A 132 -16.76 3.58 14.15
N MET A 133 -16.88 2.79 13.10
CA MET A 133 -15.71 2.40 12.33
CA MET A 133 -15.71 2.46 12.31
C MET A 133 -16.04 2.07 10.88
N TYR A 134 -15.00 2.03 10.05
CA TYR A 134 -15.17 1.67 8.65
C TYR A 134 -13.87 1.02 8.23
N VAL A 135 -13.94 0.10 7.27
CA VAL A 135 -12.72 -0.45 6.69
C VAL A 135 -12.78 -0.37 5.17
N ALA A 136 -11.73 0.23 4.60
CA ALA A 136 -11.63 0.44 3.16
C ALA A 136 -10.44 -0.30 2.58
N ILE A 137 -10.59 -0.77 1.35
CA ILE A 137 -9.47 -1.35 0.62
C ILE A 137 -8.39 -0.27 0.34
N GLN A 138 -7.14 -0.60 0.65
CA GLN A 138 -6.04 0.35 0.52
C GLN A 138 -5.98 0.96 -0.89
N ALA A 139 -6.02 0.13 -1.92
CA ALA A 139 -5.90 0.65 -3.27
C ALA A 139 -7.04 1.59 -3.63
N VAL A 140 -8.24 1.32 -3.09
CA VAL A 140 -9.37 2.19 -3.38
C VAL A 140 -9.13 3.59 -2.81
N LEU A 141 -8.56 3.65 -1.60
CA LEU A 141 -8.24 4.94 -0.98
C LEU A 141 -7.20 5.72 -1.78
N SER A 142 -6.21 5.02 -2.35
CA SER A 142 -5.20 5.63 -3.22
CA SER A 142 -5.22 5.69 -3.19
C SER A 142 -5.89 6.33 -4.38
N LEU A 143 -6.85 5.63 -4.96
CA LEU A 143 -7.57 6.17 -6.11
C LEU A 143 -8.36 7.41 -5.67
N TYR A 144 -9.05 7.31 -4.54
CA TYR A 144 -9.82 8.44 -4.03
C TYR A 144 -8.94 9.65 -3.77
N ALA A 145 -7.71 9.42 -3.32
CA ALA A 145 -6.82 10.54 -2.98
C ALA A 145 -6.49 11.39 -4.20
N SER A 146 -6.65 10.81 -5.39
CA SER A 146 -6.33 11.51 -6.63
C SER A 146 -7.59 12.12 -7.22
N GLY A 147 -8.68 12.05 -6.46
CA GLY A 147 -9.93 12.62 -6.90
C GLY A 147 -10.68 11.76 -7.92
N ARG A 148 -10.40 10.46 -7.96
CA ARG A 148 -11.02 9.53 -8.89
C ARG A 148 -11.82 8.43 -8.21
N THR A 149 -12.83 7.88 -8.89
CA THR A 149 -13.48 6.66 -8.41
C THR A 149 -13.34 5.51 -9.38
N THR A 150 -12.76 5.80 -10.55
CA THR A 150 -12.49 4.75 -11.52
C THR A 150 -11.05 4.83 -12.01
N GLY A 151 -10.38 3.67 -12.05
CA GLY A 151 -9.01 3.58 -12.50
C GLY A 151 -8.38 2.26 -12.11
N ILE A 152 -7.10 2.10 -12.42
CA ILE A 152 -6.38 0.90 -11.99
C ILE A 152 -5.18 1.33 -11.16
N VAL A 153 -5.06 0.77 -9.97
CA VAL A 153 -4.04 1.21 -9.03
C VAL A 153 -2.94 0.16 -8.97
N LEU A 154 -1.68 0.59 -9.02
CA LEU A 154 -0.58 -0.29 -8.66
C LEU A 154 -0.17 0.11 -7.24
N ASP A 155 -0.47 -0.75 -6.26
CA ASP A 155 -0.17 -0.42 -4.86
C ASP A 155 0.92 -1.37 -4.43
N SER A 156 2.05 -0.83 -4.01
CA SER A 156 3.19 -1.70 -3.70
C SER A 156 3.91 -1.17 -2.47
N GLY A 157 3.92 -1.97 -1.40
CA GLY A 157 4.50 -1.52 -0.15
C GLY A 157 5.71 -2.35 0.24
N ASP A 158 5.72 -2.82 1.48
CA ASP A 158 6.85 -3.59 1.99
C ASP A 158 6.63 -5.09 1.83
N GLY A 159 5.36 -5.51 1.83
CA GLY A 159 5.06 -6.92 1.92
C GLY A 159 4.30 -7.51 0.76
N VAL A 160 3.64 -6.66 -0.03
CA VAL A 160 2.80 -7.16 -1.12
C VAL A 160 2.56 -6.07 -2.16
N THR A 161 2.36 -6.51 -3.40
CA THR A 161 2.05 -5.62 -4.52
C THR A 161 0.75 -6.09 -5.16
N HIS A 162 -0.16 -5.17 -5.46
CA HIS A 162 -1.40 -5.53 -6.15
C HIS A 162 -1.60 -4.63 -7.39
N ASN A 163 -2.17 -5.20 -8.45
CA ASN A 163 -2.81 -4.42 -9.50
C ASN A 163 -4.32 -4.49 -9.19
N VAL A 164 -4.96 -3.34 -9.00
CA VAL A 164 -6.37 -3.33 -8.59
C VAL A 164 -7.22 -2.44 -9.50
N PRO A 165 -7.94 -3.03 -10.45
CA PRO A 165 -8.86 -2.23 -11.25
C PRO A 165 -10.11 -1.90 -10.42
N ILE A 166 -10.61 -0.67 -10.54
CA ILE A 166 -11.70 -0.18 -9.70
C ILE A 166 -12.68 0.60 -10.56
N TYR A 167 -13.97 0.28 -10.45
CA TYR A 167 -14.98 0.99 -11.22
C TYR A 167 -16.01 1.57 -10.26
N GLU A 168 -16.17 2.89 -10.28
CA GLU A 168 -17.09 3.58 -9.37
C GLU A 168 -16.90 3.15 -7.91
N GLY A 169 -15.66 3.02 -7.47
CA GLY A 169 -15.37 2.68 -6.08
C GLY A 169 -15.24 1.20 -5.79
N TYR A 170 -15.68 0.37 -6.73
CA TYR A 170 -15.66 -1.07 -6.51
C TYR A 170 -14.42 -1.70 -7.11
N ALA A 171 -13.54 -2.25 -6.27
CA ALA A 171 -12.47 -3.09 -6.79
C ALA A 171 -13.14 -4.29 -7.49
N LEU A 172 -12.57 -4.72 -8.60
CA LEU A 172 -13.16 -5.78 -9.39
C LEU A 172 -12.36 -7.06 -9.12
N PRO A 173 -12.91 -7.94 -8.27
CA PRO A 173 -12.14 -9.04 -7.68
C PRO A 173 -11.57 -10.00 -8.69
N HIS A 174 -12.32 -10.32 -9.75
CA HIS A 174 -11.86 -11.31 -10.72
C HIS A 174 -10.60 -10.82 -11.44
N ALA A 175 -10.38 -9.51 -11.45
CA ALA A 175 -9.28 -8.95 -12.23
C ALA A 175 -8.11 -8.45 -11.39
N ILE A 176 -8.24 -8.53 -10.06
CA ILE A 176 -7.14 -8.13 -9.17
C ILE A 176 -5.95 -9.09 -9.31
N MET A 177 -4.74 -8.53 -9.39
CA MET A 177 -3.52 -9.34 -9.42
C MET A 177 -2.75 -9.14 -8.12
N ARG A 178 -2.43 -10.23 -7.44
CA ARG A 178 -1.59 -10.15 -6.25
C ARG A 178 -0.22 -10.70 -6.59
N LEU A 179 0.81 -10.02 -6.13
CA LEU A 179 2.19 -10.41 -6.39
C LEU A 179 2.94 -10.33 -5.07
N ASP A 180 3.46 -11.46 -4.59
CA ASP A 180 4.28 -11.49 -3.38
C ASP A 180 5.72 -11.08 -3.69
N LEU A 181 5.84 -9.91 -4.31
CA LEU A 181 7.12 -9.27 -4.55
C LEU A 181 6.91 -7.80 -4.22
N ALA A 182 7.61 -7.32 -3.20
CA ALA A 182 7.51 -5.93 -2.80
C ALA A 182 8.81 -5.45 -2.18
N GLY A 183 8.71 -4.43 -1.34
CA GLY A 183 9.88 -3.72 -0.84
C GLY A 183 10.87 -4.57 -0.08
N ARG A 184 10.40 -5.40 0.83
CA ARG A 184 11.30 -6.21 1.64
C ARG A 184 12.07 -7.19 0.74
N ASP A 185 11.39 -7.75 -0.25
CA ASP A 185 12.04 -8.65 -1.20
C ASP A 185 13.11 -7.93 -2.01
N LEU A 186 12.83 -6.68 -2.37
CA LEU A 186 13.82 -5.90 -3.13
C LEU A 186 15.04 -5.60 -2.26
N THR A 187 14.80 -5.35 -0.98
CA THR A 187 15.93 -5.15 -0.07
C THR A 187 16.79 -6.43 0.01
N ASP A 188 16.15 -7.58 0.12
CA ASP A 188 16.89 -8.84 0.21
C ASP A 188 17.72 -9.05 -1.05
N TYR A 189 17.12 -8.72 -2.20
CA TYR A 189 17.82 -8.90 -3.47
C TYR A 189 19.03 -7.96 -3.56
N LEU A 190 18.87 -6.72 -3.10
CA LEU A 190 19.99 -5.78 -3.10
C LEU A 190 21.13 -6.27 -2.19
N MET A 191 20.78 -6.88 -1.07
CA MET A 191 21.80 -7.49 -0.20
C MET A 191 22.55 -8.55 -0.98
N LYS A 192 21.81 -9.37 -1.72
CA LYS A 192 22.41 -10.44 -2.50
C LYS A 192 23.41 -9.92 -3.54
N ILE A 193 23.01 -8.92 -4.33
CA ILE A 193 23.90 -8.43 -5.39
C ILE A 193 25.03 -7.53 -4.89
N LEU A 194 24.82 -6.79 -3.80
CA LEU A 194 25.94 -6.05 -3.21
C LEU A 194 26.98 -7.03 -2.66
N THR A 195 26.50 -8.14 -2.13
CA THR A 195 27.36 -9.19 -1.60
C THR A 195 28.18 -9.81 -2.73
N GLU A 196 27.66 -9.75 -3.96
CA GLU A 196 28.41 -10.21 -5.13
C GLU A 196 29.55 -9.28 -5.51
N ARG A 197 29.43 -8.01 -5.14
CA ARG A 197 30.46 -7.00 -5.45
C ARG A 197 31.57 -7.02 -4.40
N GLY A 198 31.48 -7.94 -3.45
CA GLY A 198 32.55 -8.12 -2.49
C GLY A 198 32.17 -7.71 -1.08
N TYR A 199 31.04 -7.04 -0.94
CA TYR A 199 30.58 -6.65 0.39
C TYR A 199 29.83 -7.81 1.05
N SER A 200 29.43 -7.65 2.30
CA SER A 200 28.68 -8.69 2.97
C SER A 200 27.56 -8.11 3.80
N PHE A 201 26.33 -8.30 3.32
CA PHE A 201 25.14 -7.89 4.05
C PHE A 201 24.25 -9.11 4.22
N VAL A 202 24.08 -9.56 5.47
CA VAL A 202 23.37 -10.80 5.74
CA VAL A 202 23.41 -10.82 5.77
C VAL A 202 22.42 -10.71 6.94
N THR A 203 22.87 -10.08 8.03
CA THR A 203 22.05 -9.99 9.25
C THR A 203 20.85 -9.05 9.16
N THR A 204 19.94 -9.17 10.13
CA THR A 204 18.78 -8.29 10.24
C THR A 204 19.23 -6.83 10.30
N ALA A 205 20.26 -6.58 11.09
CA ALA A 205 20.79 -5.23 11.23
C ALA A 205 21.36 -4.77 9.90
N GLU A 206 22.06 -5.66 9.19
CA GLU A 206 22.64 -5.31 7.91
C GLU A 206 21.56 -5.08 6.85
N ARG A 207 20.44 -5.76 7.00
CA ARG A 207 19.33 -5.59 6.06
C ARG A 207 18.78 -4.17 6.16
N GLU A 208 18.73 -3.65 7.38
CA GLU A 208 18.27 -2.27 7.57
C GLU A 208 19.19 -1.25 6.89
N ILE A 209 20.49 -1.48 6.95
CA ILE A 209 21.43 -0.63 6.23
C ILE A 209 21.10 -0.68 4.74
N VAL A 210 20.89 -1.88 4.22
CA VAL A 210 20.60 -2.03 2.79
C VAL A 210 19.26 -1.42 2.42
N ARG A 211 18.29 -1.49 3.31
CA ARG A 211 17.02 -0.80 3.04
C ARG A 211 17.26 0.69 2.83
N ASP A 212 18.12 1.28 3.67
CA ASP A 212 18.43 2.69 3.55
C ASP A 212 19.13 3.02 2.23
N ILE A 213 20.11 2.21 1.85
CA ILE A 213 20.77 2.34 0.56
C ILE A 213 19.73 2.31 -0.57
N LYS A 214 18.81 1.36 -0.49
CA LYS A 214 17.77 1.18 -1.50
C LYS A 214 16.93 2.46 -1.62
N GLU A 215 16.47 2.98 -0.48
CA GLU A 215 15.61 4.15 -0.47
C GLU A 215 16.33 5.42 -0.94
N LYS A 216 17.64 5.50 -0.73
CA LYS A 216 18.36 6.73 -1.04
C LYS A 216 18.96 6.76 -2.44
N LEU A 217 19.29 5.59 -3.00
CA LEU A 217 20.15 5.54 -4.19
C LEU A 217 19.60 4.74 -5.38
N CYS A 218 18.61 3.89 -5.16
CA CYS A 218 18.07 3.10 -6.27
C CYS A 218 17.14 3.90 -7.17
N TYR A 219 17.03 3.50 -8.43
CA TYR A 219 16.13 4.15 -9.39
C TYR A 219 15.77 3.15 -10.48
N VAL A 220 14.72 3.45 -11.24
CA VAL A 220 14.34 2.55 -12.34
C VAL A 220 14.82 3.12 -13.65
N ALA A 221 15.59 2.32 -14.39
CA ALA A 221 16.12 2.74 -15.68
C ALA A 221 15.00 2.78 -16.71
N LEU A 222 15.03 3.76 -17.61
CA LEU A 222 14.03 3.82 -18.68
C LEU A 222 14.24 2.67 -19.67
N ASP A 223 15.49 2.43 -20.00
CA ASP A 223 15.87 1.33 -20.89
C ASP A 223 16.91 0.53 -20.11
N PHE A 224 16.51 -0.62 -19.55
CA PHE A 224 17.41 -1.35 -18.66
C PHE A 224 18.70 -1.78 -19.34
N GLU A 225 18.60 -2.41 -20.51
CA GLU A 225 19.79 -2.88 -21.19
C GLU A 225 20.76 -1.75 -21.57
N ASN A 226 20.21 -0.61 -21.95
CA ASN A 226 21.03 0.56 -22.28
CA ASN A 226 21.04 0.54 -22.28
C ASN A 226 21.73 1.12 -21.05
N GLU A 227 21.03 1.12 -19.93
CA GLU A 227 21.59 1.60 -18.67
C GLU A 227 22.73 0.68 -18.22
N MET A 228 22.51 -0.63 -18.37
CA MET A 228 23.57 -1.59 -18.09
C MET A 228 24.79 -1.29 -18.95
N ALA A 229 24.56 -1.06 -20.24
CA ALA A 229 25.65 -0.71 -21.17
C ALA A 229 26.36 0.58 -20.74
N THR A 230 25.64 1.46 -20.07
CA THR A 230 26.17 2.74 -19.61
C THR A 230 27.06 2.55 -18.39
N ALA A 231 26.66 1.64 -17.50
CA ALA A 231 27.51 1.23 -16.39
C ALA A 231 28.83 0.65 -16.90
N ALA A 232 28.95 0.47 -18.22
CA ALA A 232 30.19 0.05 -18.89
C ALA A 232 31.09 1.19 -19.31
N SER A 233 30.59 1.99 -20.24
CA SER A 233 31.28 3.16 -20.73
C SER A 233 31.93 4.02 -19.64
N SER A 234 31.53 3.82 -18.38
CA SER A 234 31.88 4.75 -17.32
C SER A 234 31.59 4.27 -15.88
N SER A 235 31.91 5.12 -14.92
CA SER A 235 31.44 4.98 -13.56
C SER A 235 30.49 6.15 -13.21
N SER A 236 29.85 6.71 -14.23
CA SER A 236 29.01 7.91 -14.06
C SER A 236 27.77 7.62 -13.21
N LEU A 237 27.49 6.33 -13.04
CA LEU A 237 26.33 5.89 -12.26
C LEU A 237 26.71 5.58 -10.80
N GLU A 238 28.00 5.58 -10.49
CA GLU A 238 28.44 5.15 -9.15
C GLU A 238 28.19 6.15 -8.03
N LYS A 239 27.70 5.65 -6.90
CA LYS A 239 27.53 6.44 -5.69
C LYS A 239 28.29 5.82 -4.52
N SER A 240 28.76 6.67 -3.61
CA SER A 240 29.40 6.19 -2.39
C SER A 240 28.40 6.29 -1.24
N TYR A 241 28.51 5.37 -0.29
CA TYR A 241 27.59 5.30 0.84
C TYR A 241 28.40 4.96 2.07
N GLU A 242 28.28 5.77 3.13
CA GLU A 242 29.02 5.50 4.35
C GLU A 242 28.24 4.59 5.29
N LEU A 243 28.90 3.50 5.72
CA LEU A 243 28.28 2.53 6.61
C LEU A 243 28.40 3.03 8.05
N PRO A 244 27.54 2.52 8.94
CA PRO A 244 27.61 2.93 10.35
C PRO A 244 29.01 2.82 10.94
N ASP A 245 29.82 1.87 10.48
CA ASP A 245 31.17 1.72 11.01
C ASP A 245 32.19 2.64 10.34
N GLY A 246 31.73 3.50 9.44
CA GLY A 246 32.61 4.46 8.78
C GLY A 246 33.24 4.02 7.47
N GLN A 247 33.17 2.72 7.17
CA GLN A 247 33.64 2.24 5.88
C GLN A 247 32.78 2.85 4.77
N VAL A 248 33.40 3.21 3.67
CA VAL A 248 32.67 3.74 2.52
C VAL A 248 32.59 2.68 1.40
N ILE A 249 31.38 2.31 1.01
CA ILE A 249 31.23 1.38 -0.10
C ILE A 249 30.76 2.12 -1.35
N THR A 250 30.88 1.44 -2.49
CA THR A 250 30.49 2.02 -3.77
C THR A 250 29.39 1.20 -4.39
N ILE A 251 28.33 1.86 -4.85
CA ILE A 251 27.22 1.19 -5.52
C ILE A 251 27.10 1.68 -6.96
N GLY A 252 27.00 0.74 -7.91
CA GLY A 252 26.96 1.05 -9.33
C GLY A 252 25.65 0.60 -9.95
N ASN A 253 25.70 -0.38 -10.86
CA ASN A 253 24.48 -0.81 -11.54
C ASN A 253 23.45 -1.47 -10.64
N GLU A 254 23.85 -1.80 -9.40
CA GLU A 254 22.92 -2.27 -8.37
C GLU A 254 21.82 -1.26 -8.11
N ARG A 255 22.13 0.02 -8.31
CA ARG A 255 21.14 1.09 -8.10
C ARG A 255 19.88 0.84 -8.92
N PHE A 256 20.03 0.36 -10.15
CA PHE A 256 18.84 0.12 -10.98
C PHE A 256 18.50 -1.36 -11.23
N ARG A 257 19.45 -2.25 -10.97
CA ARG A 257 19.20 -3.69 -11.03
C ARG A 257 18.22 -4.12 -9.95
N CYS A 258 18.30 -3.47 -8.79
CA CYS A 258 17.42 -3.81 -7.69
C CYS A 258 15.93 -3.63 -8.06
N PRO A 259 15.48 -2.39 -8.38
CA PRO A 259 14.04 -2.35 -8.70
C PRO A 259 13.67 -2.87 -10.11
N GLU A 260 14.65 -3.23 -10.95
CA GLU A 260 14.34 -3.84 -12.24
C GLU A 260 13.57 -5.15 -12.02
N THR A 261 13.81 -5.76 -10.87
CA THR A 261 13.14 -6.96 -10.44
C THR A 261 11.62 -6.83 -10.54
N LEU A 262 11.08 -5.65 -10.26
CA LEU A 262 9.63 -5.42 -10.40
C LEU A 262 9.16 -5.65 -11.83
N PHE A 263 10.02 -5.36 -12.80
CA PHE A 263 9.69 -5.55 -14.21
C PHE A 263 10.17 -6.93 -14.68
N GLN A 264 11.18 -7.47 -14.00
CA GLN A 264 11.73 -8.79 -14.32
C GLN A 264 11.85 -9.68 -13.08
N PRO A 265 10.73 -10.26 -12.62
CA PRO A 265 10.76 -11.01 -11.35
C PRO A 265 11.65 -12.26 -11.42
N SER A 266 12.04 -12.65 -12.63
CA SER A 266 12.97 -13.76 -12.81
C SER A 266 14.32 -13.49 -12.14
N PHE A 267 14.61 -12.21 -11.85
CA PHE A 267 15.84 -11.85 -11.14
C PHE A 267 15.94 -12.52 -9.77
N ILE A 268 14.80 -12.74 -9.12
CA ILE A 268 14.78 -13.44 -7.84
C ILE A 268 14.11 -14.82 -7.95
N GLY A 269 14.03 -15.31 -9.19
CA GLY A 269 13.54 -16.66 -9.44
C GLY A 269 12.03 -16.85 -9.47
N MET A 270 11.26 -15.76 -9.49
CA MET A 270 9.80 -15.87 -9.58
C MET A 270 9.37 -16.09 -11.02
N GLU A 271 8.35 -16.92 -11.24
CA GLU A 271 7.86 -17.17 -12.59
C GLU A 271 6.92 -16.08 -13.10
N SER A 272 6.48 -15.21 -12.19
CA SER A 272 5.51 -14.15 -12.50
C SER A 272 5.97 -13.15 -13.57
N ALA A 273 5.01 -12.63 -14.33
CA ALA A 273 5.25 -11.50 -15.24
C ALA A 273 5.51 -10.24 -14.41
N GLY A 274 6.19 -9.25 -14.99
CA GLY A 274 6.52 -8.03 -14.29
C GLY A 274 5.32 -7.10 -14.14
N ILE A 275 5.45 -6.05 -13.34
CA ILE A 275 4.29 -5.22 -13.00
C ILE A 275 3.65 -4.51 -14.18
N HIS A 276 4.41 -4.32 -15.25
CA HIS A 276 3.86 -3.76 -16.47
C HIS A 276 2.88 -4.73 -17.12
N GLU A 277 3.29 -6.00 -17.22
CA GLU A 277 2.44 -7.02 -17.83
C GLU A 277 1.25 -7.39 -16.97
N THR A 278 1.44 -7.39 -15.64
CA THR A 278 0.31 -7.72 -14.76
C THR A 278 -0.71 -6.59 -14.75
N THR A 279 -0.24 -5.37 -14.96
CA THR A 279 -1.15 -4.24 -15.15
C THR A 279 -1.96 -4.46 -16.43
N TYR A 280 -1.28 -4.77 -17.53
CA TYR A 280 -1.95 -5.05 -18.80
C TYR A 280 -2.92 -6.24 -18.68
N ASN A 281 -2.45 -7.33 -18.10
CA ASN A 281 -3.30 -8.51 -17.92
C ASN A 281 -4.57 -8.21 -17.12
N SER A 282 -4.42 -7.40 -16.08
CA SER A 282 -5.54 -7.01 -15.21
C SER A 282 -6.59 -6.22 -16.00
N ILE A 283 -6.13 -5.25 -16.77
CA ILE A 283 -7.03 -4.46 -17.59
C ILE A 283 -7.76 -5.35 -18.59
N MET A 284 -7.03 -6.29 -19.18
CA MET A 284 -7.62 -7.16 -20.22
C MET A 284 -8.66 -8.12 -19.66
N LYS A 285 -8.62 -8.36 -18.36
CA LYS A 285 -9.67 -9.15 -17.72
C LYS A 285 -10.95 -8.36 -17.51
N CYS A 286 -10.88 -7.04 -17.65
CA CYS A 286 -12.07 -6.22 -17.38
C CYS A 286 -12.91 -6.02 -18.61
N ASP A 287 -14.13 -5.56 -18.38
CA ASP A 287 -15.09 -5.32 -19.45
C ASP A 287 -14.51 -4.41 -20.53
N ILE A 288 -14.71 -4.78 -21.79
CA ILE A 288 -14.14 -4.07 -22.94
C ILE A 288 -14.35 -2.55 -22.84
N ASP A 289 -15.54 -2.12 -22.44
CA ASP A 289 -15.90 -0.70 -22.44
C ASP A 289 -15.32 0.11 -21.28
N ILE A 290 -14.71 -0.55 -20.30
CA ILE A 290 -14.06 0.22 -19.26
C ILE A 290 -12.53 0.23 -19.39
N ARG A 291 -12.02 -0.58 -20.31
CA ARG A 291 -10.56 -0.67 -20.49
C ARG A 291 -9.93 0.70 -20.74
N LYS A 292 -10.59 1.48 -21.60
CA LYS A 292 -10.14 2.84 -21.94
C LYS A 292 -9.97 3.70 -20.69
N ASP A 293 -10.95 3.63 -19.79
CA ASP A 293 -10.91 4.39 -18.55
C ASP A 293 -9.81 3.92 -17.60
N LEU A 294 -9.50 2.62 -17.64
CA LEU A 294 -8.41 2.11 -16.80
C LEU A 294 -7.05 2.56 -17.33
N TYR A 295 -6.85 2.48 -18.66
CA TYR A 295 -5.58 2.90 -19.27
C TYR A 295 -5.27 4.37 -18.97
N ALA A 296 -6.32 5.19 -18.93
CA ALA A 296 -6.14 6.64 -18.78
C ALA A 296 -5.99 7.07 -17.32
N ASN A 297 -6.10 6.11 -16.40
CA ASN A 297 -6.12 6.42 -14.98
C ASN A 297 -5.36 5.40 -14.16
N ASN A 298 -4.08 5.20 -14.50
CA ASN A 298 -3.17 4.29 -13.78
C ASN A 298 -2.55 5.04 -12.62
N VAL A 299 -2.95 4.74 -11.40
CA VAL A 299 -2.44 5.44 -10.21
C VAL A 299 -1.43 4.54 -9.52
N MET A 300 -0.29 5.09 -9.11
CA MET A 300 0.68 4.32 -8.35
C MET A 300 0.70 4.81 -6.91
N SER A 301 0.76 3.87 -5.96
CA SER A 301 0.87 4.25 -4.56
C SER A 301 1.73 3.25 -3.77
N GLY A 302 2.27 3.71 -2.64
CA GLY A 302 3.01 2.83 -1.77
C GLY A 302 4.52 3.10 -1.86
N GLY A 303 5.23 2.71 -0.81
CA GLY A 303 6.65 3.03 -0.73
C GLY A 303 7.45 2.44 -1.88
N THR A 304 7.04 1.29 -2.38
CA THR A 304 7.85 0.64 -3.42
C THR A 304 7.61 1.28 -4.80
N THR A 305 6.67 2.20 -4.87
CA THR A 305 6.52 2.96 -6.12
C THR A 305 7.32 4.25 -6.08
N MET A 306 8.15 4.44 -5.06
CA MET A 306 8.85 5.73 -4.91
C MET A 306 10.12 5.89 -5.76
N TYR A 307 10.56 4.84 -6.44
CA TYR A 307 11.79 4.92 -7.25
C TYR A 307 11.71 6.00 -8.31
N PRO A 308 12.70 6.90 -8.36
CA PRO A 308 12.79 7.82 -9.51
C PRO A 308 12.79 6.98 -10.78
N GLY A 309 12.06 7.43 -11.79
CA GLY A 309 12.02 6.72 -13.07
C GLY A 309 10.90 5.71 -13.21
N ILE A 310 10.21 5.35 -12.13
CA ILE A 310 9.25 4.26 -12.22
C ILE A 310 8.01 4.63 -13.05
N ALA A 311 7.53 5.85 -12.91
CA ALA A 311 6.35 6.26 -13.67
C ALA A 311 6.66 6.33 -15.17
N ASP A 312 7.77 6.95 -15.55
CA ASP A 312 8.17 7.01 -16.95
C ASP A 312 8.35 5.62 -17.55
N ARG A 313 8.93 4.71 -16.78
CA ARG A 313 9.14 3.34 -17.27
C ARG A 313 7.80 2.62 -17.45
N MET A 314 6.91 2.76 -16.47
CA MET A 314 5.58 2.17 -16.60
C MET A 314 4.84 2.73 -17.82
N GLN A 315 4.93 4.05 -18.04
CA GLN A 315 4.32 4.68 -19.20
C GLN A 315 4.82 4.05 -20.50
N LYS A 316 6.13 3.82 -20.55
CA LYS A 316 6.74 3.25 -21.75
C LYS A 316 6.34 1.78 -21.97
N GLU A 317 6.36 0.98 -20.91
CA GLU A 317 6.01 -0.43 -21.03
C GLU A 317 4.52 -0.63 -21.32
N ILE A 318 3.66 0.16 -20.69
CA ILE A 318 2.22 0.02 -20.95
C ILE A 318 1.88 0.46 -22.38
N THR A 319 2.53 1.54 -22.83
CA THR A 319 2.35 1.99 -24.21
C THR A 319 2.72 0.91 -25.21
N ALA A 320 3.75 0.13 -24.90
CA ALA A 320 4.20 -0.93 -25.79
C ALA A 320 3.22 -2.11 -25.86
N LEU A 321 2.53 -2.37 -24.76
CA LEU A 321 1.56 -3.46 -24.69
C LEU A 321 0.17 -3.07 -25.18
N ALA A 322 -0.20 -1.80 -25.00
CA ALA A 322 -1.57 -1.36 -25.28
C ALA A 322 -1.75 -1.01 -26.75
N PRO A 323 -3.00 -1.01 -27.22
CA PRO A 323 -3.28 -0.54 -28.58
C PRO A 323 -2.81 0.91 -28.75
N SER A 324 -2.29 1.28 -29.91
CA SER A 324 -1.82 2.65 -30.13
C SER A 324 -3.00 3.62 -30.08
N THR A 325 -4.20 3.05 -30.14
CA THR A 325 -5.44 3.80 -30.02
C THR A 325 -5.67 4.23 -28.57
N MET A 326 -4.85 3.73 -27.65
CA MET A 326 -5.11 3.97 -26.24
C MET A 326 -4.35 5.13 -25.60
N LYS A 327 -5.09 6.02 -24.96
CA LYS A 327 -4.46 7.07 -24.14
C LYS A 327 -3.98 6.51 -22.81
N ILE A 328 -2.67 6.56 -22.59
CA ILE A 328 -2.07 6.03 -21.37
C ILE A 328 -1.67 7.18 -20.45
N LYS A 329 -2.07 7.10 -19.19
CA LYS A 329 -1.70 8.12 -18.21
C LYS A 329 -1.30 7.44 -16.92
N ILE A 330 -0.08 7.68 -16.45
CA ILE A 330 0.37 7.17 -15.16
C ILE A 330 0.30 8.31 -14.14
N ILE A 331 -0.45 8.11 -13.06
CA ILE A 331 -0.59 9.11 -12.01
C ILE A 331 0.24 8.71 -10.80
N ALA A 332 1.31 9.47 -10.54
CA ALA A 332 2.25 9.15 -9.47
C ALA A 332 2.72 10.42 -8.77
N PRO A 333 1.91 10.95 -7.84
CA PRO A 333 2.21 12.22 -7.15
C PRO A 333 3.38 12.07 -6.19
N PRO A 334 3.99 13.21 -5.79
CA PRO A 334 5.16 13.13 -4.91
C PRO A 334 4.84 12.46 -3.59
N GLU A 335 3.60 12.63 -3.11
CA GLU A 335 3.22 12.12 -1.80
C GLU A 335 2.68 10.69 -1.82
N ARG A 336 2.87 9.98 -2.94
CA ARG A 336 2.24 8.67 -3.15
C ARG A 336 2.61 7.57 -2.15
N LYS A 337 3.70 7.73 -1.42
CA LYS A 337 4.01 6.77 -0.38
CA LYS A 337 4.02 6.79 -0.35
C LYS A 337 2.84 6.69 0.61
N TYR A 338 2.16 7.83 0.79
CA TYR A 338 1.08 7.93 1.77
C TYR A 338 -0.29 8.15 1.16
N SER A 339 -0.46 7.89 -0.12
CA SER A 339 -1.74 8.20 -0.74
CA SER A 339 -1.74 8.16 -0.78
C SER A 339 -2.88 7.34 -0.17
N VAL A 340 -2.58 6.13 0.27
CA VAL A 340 -3.62 5.31 0.92
C VAL A 340 -4.12 6.04 2.16
N TRP A 341 -3.21 6.43 3.04
CA TRP A 341 -3.61 7.19 4.22
C TRP A 341 -4.34 8.50 3.86
N ILE A 342 -3.78 9.25 2.92
CA ILE A 342 -4.37 10.53 2.52
C ILE A 342 -5.78 10.32 1.98
N GLY A 343 -5.99 9.27 1.17
CA GLY A 343 -7.33 8.95 0.70
C GLY A 343 -8.30 8.69 1.84
N GLY A 344 -7.82 7.99 2.87
CA GLY A 344 -8.66 7.71 4.02
C GLY A 344 -8.98 8.99 4.77
N SER A 345 -7.98 9.86 4.86
CA SER A 345 -8.15 11.16 5.52
C SER A 345 -9.22 12.01 4.83
N ILE A 346 -9.21 11.99 3.50
CA ILE A 346 -10.19 12.72 2.71
C ILE A 346 -11.59 12.10 2.90
N LEU A 347 -11.68 10.78 2.72
CA LEU A 347 -12.96 10.08 2.79
C LEU A 347 -13.63 10.26 4.14
N ALA A 348 -12.85 10.13 5.22
CA ALA A 348 -13.41 10.19 6.57
C ALA A 348 -13.85 11.61 6.94
N SER A 349 -13.39 12.59 6.17
CA SER A 349 -13.73 13.97 6.46
CA SER A 349 -13.71 14.00 6.42
C SER A 349 -14.93 14.45 5.63
N LEU A 350 -15.44 13.59 4.75
CA LEU A 350 -16.58 13.96 3.92
C LEU A 350 -17.89 13.96 4.70
N SER A 351 -18.70 15.00 4.51
CA SER A 351 -19.98 15.10 5.21
C SER A 351 -20.89 13.93 4.86
N THR A 352 -20.88 13.52 3.59
CA THR A 352 -21.80 12.48 3.12
C THR A 352 -21.26 11.09 3.38
N PHE A 353 -20.05 11.01 3.94
CA PHE A 353 -19.51 9.73 4.36
C PHE A 353 -19.99 9.35 5.77
N GLN A 354 -20.53 10.32 6.50
CA GLN A 354 -20.88 10.08 7.90
C GLN A 354 -21.99 9.04 8.04
N GLN A 355 -22.84 8.92 7.02
CA GLN A 355 -23.89 7.90 6.98
C GLN A 355 -23.34 6.49 6.69
N MET A 356 -22.09 6.41 6.26
CA MET A 356 -21.53 5.12 5.86
CA MET A 356 -21.54 5.12 5.85
C MET A 356 -20.80 4.39 6.97
N TRP A 357 -20.46 5.10 8.05
CA TRP A 357 -19.80 4.47 9.19
C TRP A 357 -20.66 3.33 9.73
N ILE A 358 -20.02 2.26 10.20
CA ILE A 358 -20.72 1.32 11.06
C ILE A 358 -20.78 1.95 12.45
N THR A 359 -21.98 2.18 12.98
CA THR A 359 -22.10 2.74 14.33
C THR A 359 -22.07 1.62 15.36
N LYS A 360 -21.75 1.95 16.61
CA LYS A 360 -21.75 0.97 17.69
C LYS A 360 -23.13 0.34 17.82
N GLN A 361 -24.16 1.16 17.62
CA GLN A 361 -25.55 0.72 17.68
C GLN A 361 -25.84 -0.36 16.63
N GLU A 362 -25.42 -0.12 15.39
CA GLU A 362 -25.60 -1.08 14.31
C GLU A 362 -24.84 -2.36 14.60
N TYR A 363 -23.63 -2.21 15.13
CA TYR A 363 -22.83 -3.38 15.50
C TYR A 363 -23.54 -4.22 16.57
N ASP A 364 -23.99 -3.59 17.65
CA ASP A 364 -24.67 -4.33 18.70
C ASP A 364 -25.90 -5.07 18.21
N GLU A 365 -26.56 -4.51 17.20
CA GLU A 365 -27.76 -5.15 16.67
C GLU A 365 -27.41 -6.25 15.68
N ALA A 366 -26.34 -6.07 14.91
CA ALA A 366 -26.08 -6.98 13.80
C ALA A 366 -24.85 -7.87 13.97
N GLY A 367 -23.91 -7.48 14.84
CA GLY A 367 -22.71 -8.26 15.03
C GLY A 367 -21.69 -8.01 13.93
N PRO A 368 -20.54 -8.71 13.98
CA PRO A 368 -19.40 -8.45 13.10
C PRO A 368 -19.70 -8.55 11.59
N SER A 369 -20.70 -9.32 11.19
CA SER A 369 -21.01 -9.49 9.78
C SER A 369 -21.52 -8.20 9.13
N ILE A 370 -21.86 -7.22 9.96
CA ILE A 370 -22.29 -5.90 9.50
C ILE A 370 -21.26 -5.29 8.53
N VAL A 371 -19.98 -5.62 8.73
CA VAL A 371 -18.92 -5.05 7.90
C VAL A 371 -19.13 -5.34 6.40
N HIS A 372 -19.72 -6.49 6.09
CA HIS A 372 -19.91 -6.88 4.70
C HIS A 372 -20.98 -6.05 3.97
N ARG A 373 -22.03 -5.63 4.68
CA ARG A 373 -23.05 -4.80 4.02
C ARG A 373 -22.81 -3.29 4.11
N LYS A 374 -21.93 -2.86 5.02
CA LYS A 374 -21.63 -1.45 5.19
C LYS A 374 -20.35 -0.99 4.46
N CYS A 375 -19.35 -1.88 4.38
CA CYS A 375 -18.03 -1.50 3.85
C CYS A 375 -17.75 -2.17 2.51
N PHE A 376 -17.89 -1.40 1.43
CA PHE A 376 -17.78 -1.93 0.07
C PHE A 376 -17.38 -0.79 -0.85
N GLN B 3 -11.18 20.04 -6.65
CA GLN B 3 -11.84 20.07 -5.35
C GLN B 3 -12.13 18.66 -4.89
N ILE B 4 -11.08 17.94 -4.52
CA ILE B 4 -11.17 16.50 -4.21
C ILE B 4 -12.42 16.14 -3.42
N GLY B 5 -12.49 16.62 -2.18
CA GLY B 5 -13.65 16.38 -1.32
C GLY B 5 -15.00 16.58 -2.00
N THR B 6 -15.23 17.76 -2.57
CA THR B 6 -16.47 18.05 -3.28
C THR B 6 -16.72 17.11 -4.47
N LYS B 7 -15.79 17.09 -5.44
CA LYS B 7 -15.91 16.25 -6.62
C LYS B 7 -16.04 14.76 -6.28
N LEU B 8 -15.16 14.28 -5.40
CA LEU B 8 -15.25 12.91 -4.93
C LEU B 8 -16.60 12.66 -4.28
N THR B 9 -17.10 13.62 -3.50
CA THR B 9 -18.43 13.52 -2.91
C THR B 9 -19.49 13.34 -3.99
N ARG B 10 -19.35 14.13 -5.07
CA ARG B 10 -20.25 14.04 -6.21
C ARG B 10 -20.12 12.70 -6.96
N ARG B 11 -18.89 12.30 -7.27
CA ARG B 11 -18.68 10.99 -7.91
C ARG B 11 -19.12 9.86 -6.99
N LEU B 12 -18.96 10.03 -5.68
CA LEU B 12 -19.44 9.05 -4.71
C LEU B 12 -20.94 9.17 -4.44
N SER B 13 -21.53 10.31 -4.81
CA SER B 13 -22.94 10.58 -4.55
C SER B 13 -23.85 9.65 -5.35
N GLN B 14 -23.50 9.41 -6.60
CA GLN B 14 -24.35 8.61 -7.50
C GLN B 14 -23.74 7.23 -7.74
N ARG B 15 -22.98 6.76 -6.77
CA ARG B 15 -22.36 5.43 -6.83
C ARG B 15 -23.41 4.34 -7.05
N PRO B 16 -23.18 3.45 -8.03
CA PRO B 16 -24.14 2.36 -8.27
C PRO B 16 -24.00 1.25 -7.22
N THR B 17 -24.98 0.34 -7.16
CA THR B 17 -24.91 -0.78 -6.23
C THR B 17 -24.10 -1.93 -6.82
N ALA B 18 -23.61 -2.82 -5.96
CA ALA B 18 -22.88 -4.00 -6.40
C ALA B 18 -23.73 -4.85 -7.35
N GLU B 19 -25.00 -5.02 -6.99
CA GLU B 19 -25.92 -5.81 -7.80
C GLU B 19 -26.02 -5.28 -9.22
N GLU B 20 -26.07 -3.97 -9.39
CA GLU B 20 -26.25 -3.45 -10.74
C GLU B 20 -24.94 -3.44 -11.55
N LEU B 21 -23.79 -3.38 -10.87
CA LEU B 21 -22.53 -3.63 -11.58
C LEU B 21 -22.40 -5.10 -11.96
N GLU B 22 -22.96 -5.99 -11.16
CA GLU B 22 -22.90 -7.43 -11.45
C GLU B 22 -23.78 -7.74 -12.66
N GLN B 23 -24.95 -7.11 -12.68
CA GLN B 23 -25.92 -7.29 -13.76
C GLN B 23 -25.35 -6.83 -15.09
N ARG B 24 -24.43 -5.87 -15.02
CA ARG B 24 -23.80 -5.30 -16.20
C ARG B 24 -22.47 -5.97 -16.50
N ASN B 25 -22.21 -7.11 -15.84
CA ASN B 25 -21.01 -7.90 -16.08
C ASN B 25 -19.69 -7.17 -15.80
N ILE B 26 -19.76 -6.12 -14.97
CA ILE B 26 -18.56 -5.41 -14.60
C ILE B 26 -17.96 -6.01 -13.33
N LEU B 27 -18.82 -6.30 -12.36
CA LEU B 27 -18.39 -6.88 -11.09
C LEU B 27 -18.58 -8.39 -11.16
N LYS B 28 -17.49 -9.13 -11.01
CA LYS B 28 -17.52 -10.59 -11.08
C LYS B 28 -16.76 -11.22 -9.92
N PRO B 29 -17.21 -12.40 -9.46
CA PRO B 29 -16.44 -13.05 -8.39
C PRO B 29 -15.13 -13.60 -8.95
N ARG B 30 -14.15 -13.78 -8.07
CA ARG B 30 -12.87 -14.34 -8.46
C ARG B 30 -12.99 -15.81 -8.87
#